data_1ZSH
#
_entry.id   1ZSH
#
_cell.length_a   78.880
_cell.length_b   78.880
_cell.length_c   158.380
_cell.angle_alpha   90.00
_cell.angle_beta   90.00
_cell.angle_gamma   120.00
#
_symmetry.space_group_name_H-M   'P 32 2 1'
#
loop_
_entity.id
_entity.type
_entity.pdbx_description
1 polymer 'Beta-arrestin 1'
2 non-polymer 'MAGNESIUM ION'
3 non-polymer 'INOSITOL HEXAKISPHOSPHATE'
4 water water
#
_entity_poly.entity_id   1
_entity_poly.type   'polypeptide(L)'
_entity_poly.pdbx_seq_one_letter_code
;MGDKGTRVFKKASPNGKLTVYLGKRDFVDHIDLVEPVDGVVLVDPEYLKERRVYVTLTCAFRYGREDLDVLGLTFRKDLF
VANVQSFPPAPEDKKPLTRLQERLIKKLGEHAYPFTFEIPPNLPCSVTLQPGPEDTGKACGVDYEVKAFCAENLEEKIHK
RNSVRLVIRKVQYAPERPGPQPTAETTRQFLMSDKPLHLEASLDKEIYYHGEPISVNVHVTNNTNKTVKKIKISVRQYAD
ICLFNTAQYKCPVAMEEADDTVAPSSTFCKVYTLTPFLANNREKRGLALDGKLKHEDTNLASSTLLREGANREILGIIVS
YKVKVKLVVSRGGLLGDLASSDVAVELPFTLMHPKPKEEPPHREVPEHETPVDTNLIELDTNDDDIVFEDFARQRLKGMK
DDKEEEEDGTGSPRLNDR
;
_entity_poly.pdbx_strand_id   A
#
loop_
_chem_comp.id
_chem_comp.type
_chem_comp.name
_chem_comp.formula
IHP non-polymer 'INOSITOL HEXAKISPHOSPHATE' 'C6 H18 O24 P6'
MG non-polymer 'MAGNESIUM ION' 'Mg 2'
#
# COMPACT_ATOMS: atom_id res chain seq x y z
N THR A 6 -10.13 20.23 14.47
CA THR A 6 -9.65 18.95 13.85
C THR A 6 -10.83 18.19 13.27
N ARG A 7 -10.59 17.01 12.72
CA ARG A 7 -11.62 16.21 12.06
C ARG A 7 -11.51 14.75 12.54
N VAL A 8 -12.64 14.17 12.93
CA VAL A 8 -12.62 12.78 13.37
C VAL A 8 -13.70 11.89 12.78
N PHE A 9 -13.28 10.71 12.34
CA PHE A 9 -14.19 9.77 11.74
C PHE A 9 -14.77 8.91 12.82
N LYS A 10 -16.00 8.46 12.60
CA LYS A 10 -16.66 7.64 13.59
C LYS A 10 -17.66 6.75 12.92
N LYS A 11 -17.97 5.66 13.61
CA LYS A 11 -18.91 4.69 13.12
C LYS A 11 -19.62 4.06 14.31
N ALA A 12 -20.91 3.76 14.16
CA ALA A 12 -21.66 3.18 15.25
C ALA A 12 -22.10 1.75 14.95
N SER A 13 -22.33 0.97 16.00
CA SER A 13 -22.77 -0.40 15.85
C SER A 13 -24.20 -0.37 15.36
N PRO A 14 -24.64 -1.44 14.67
CA PRO A 14 -26.01 -1.52 14.14
C PRO A 14 -27.08 -0.92 15.07
N ASN A 15 -26.92 -1.12 16.38
CA ASN A 15 -27.90 -0.61 17.34
C ASN A 15 -27.40 0.64 18.09
N GLY A 16 -26.64 1.47 17.37
CA GLY A 16 -26.11 2.72 17.92
C GLY A 16 -25.74 2.72 19.39
N LYS A 17 -25.57 1.54 19.99
CA LYS A 17 -25.24 1.48 21.40
C LYS A 17 -23.75 1.67 21.62
N LEU A 18 -22.95 1.40 20.59
CA LEU A 18 -21.51 1.57 20.69
C LEU A 18 -21.03 2.41 19.52
N THR A 19 -20.07 3.30 19.73
CA THR A 19 -19.59 4.12 18.63
C THR A 19 -18.09 4.38 18.70
N VAL A 20 -17.37 4.02 17.63
CA VAL A 20 -15.93 4.22 17.59
C VAL A 20 -15.59 5.57 16.97
N TYR A 21 -14.52 6.19 17.48
CA TYR A 21 -14.05 7.50 17.05
C TYR A 21 -12.56 7.48 16.70
N LEU A 22 -12.25 7.85 15.46
CA LEU A 22 -10.86 7.86 15.00
C LEU A 22 -10.47 9.15 14.27
N GLY A 23 -9.24 9.58 14.46
CA GLY A 23 -8.77 10.80 13.82
C GLY A 23 -8.11 10.61 12.47
N LYS A 24 -8.02 9.36 12.04
CA LYS A 24 -7.41 9.03 10.76
C LYS A 24 -7.95 7.67 10.40
N ARG A 25 -7.82 7.29 9.13
CA ARG A 25 -8.25 5.97 8.70
C ARG A 25 -7.08 5.37 7.95
N ASP A 26 -6.01 6.14 7.91
CA ASP A 26 -4.76 5.76 7.25
C ASP A 26 -3.61 6.08 8.19
N PHE A 27 -2.97 5.06 8.74
CA PHE A 27 -1.86 5.31 9.65
C PHE A 27 -0.54 5.16 8.93
N VAL A 28 0.24 6.24 8.94
CA VAL A 28 1.53 6.30 8.28
C VAL A 28 2.65 5.65 9.07
N ASP A 29 3.21 4.59 8.50
CA ASP A 29 4.31 3.89 9.15
C ASP A 29 5.60 4.30 8.46
N HIS A 30 6.62 4.58 9.26
CA HIS A 30 7.92 4.95 8.71
C HIS A 30 8.70 3.63 8.69
N ILE A 31 9.87 3.64 9.29
CA ILE A 31 10.67 2.43 9.34
C ILE A 31 10.98 2.32 10.82
N ASP A 32 11.25 3.49 11.39
CA ASP A 32 11.56 3.60 12.81
C ASP A 32 10.29 3.21 13.56
N LEU A 33 9.26 4.04 13.40
CA LEU A 33 7.97 3.85 14.07
C LEU A 33 6.77 3.83 13.15
N VAL A 34 5.63 3.43 13.71
CA VAL A 34 4.36 3.37 13.01
C VAL A 34 3.39 4.26 13.79
N GLU A 35 2.85 5.29 13.15
CA GLU A 35 1.93 6.19 13.81
C GLU A 35 1.00 5.39 14.68
N PRO A 36 0.81 5.80 15.95
CA PRO A 36 -0.09 5.03 16.82
C PRO A 36 -1.56 5.16 16.42
N VAL A 37 -2.30 4.05 16.58
CA VAL A 37 -3.73 4.00 16.29
C VAL A 37 -4.49 4.38 17.57
N ASP A 38 -4.85 5.67 17.69
CA ASP A 38 -5.53 6.18 18.87
C ASP A 38 -6.99 6.61 18.66
N GLY A 39 -7.89 6.03 19.42
CA GLY A 39 -9.28 6.40 19.29
C GLY A 39 -10.03 6.17 20.59
N VAL A 40 -11.36 6.30 20.55
CA VAL A 40 -12.19 6.09 21.73
C VAL A 40 -13.56 5.53 21.36
N VAL A 41 -14.18 4.86 22.33
CA VAL A 41 -15.51 4.28 22.15
C VAL A 41 -16.53 5.05 22.97
N LEU A 42 -17.77 5.06 22.50
CA LEU A 42 -18.86 5.73 23.20
C LEU A 42 -19.78 4.59 23.65
N VAL A 43 -19.90 4.43 24.97
CA VAL A 43 -20.69 3.35 25.56
C VAL A 43 -22.01 3.72 26.25
N ASP A 44 -22.86 2.72 26.39
CA ASP A 44 -24.17 2.85 27.05
C ASP A 44 -24.14 1.90 28.27
N PRO A 45 -23.41 2.28 29.33
CA PRO A 45 -23.27 1.48 30.56
C PRO A 45 -24.53 0.72 30.97
N GLU A 46 -25.69 1.36 30.84
CA GLU A 46 -26.94 0.70 31.20
C GLU A 46 -27.17 -0.47 30.22
N TYR A 47 -27.42 -0.14 28.95
CA TYR A 47 -27.64 -1.13 27.89
C TYR A 47 -26.84 -2.42 28.11
N LEU A 48 -25.63 -2.31 28.65
CA LEU A 48 -24.83 -3.51 28.93
C LEU A 48 -24.63 -3.65 30.44
N LYS A 49 -25.29 -4.63 31.06
CA LYS A 49 -25.17 -4.82 32.51
C LYS A 49 -23.71 -5.03 32.90
N GLU A 50 -23.40 -6.31 33.09
CA GLU A 50 -22.10 -6.79 33.47
C GLU A 50 -21.26 -6.84 32.22
N ARG A 51 -21.95 -6.82 31.07
CA ARG A 51 -21.28 -6.89 29.78
C ARG A 51 -20.17 -5.84 29.68
N ARG A 52 -19.15 -6.15 28.87
CA ARG A 52 -17.98 -5.28 28.68
C ARG A 52 -17.75 -4.78 27.26
N VAL A 53 -16.73 -3.94 27.14
CA VAL A 53 -16.37 -3.38 25.84
C VAL A 53 -14.91 -3.64 25.50
N TYR A 54 -14.71 -4.43 24.45
CA TYR A 54 -13.36 -4.77 23.97
C TYR A 54 -13.11 -4.19 22.57
N VAL A 55 -11.85 -3.92 22.27
CA VAL A 55 -11.48 -3.42 20.96
C VAL A 55 -10.22 -4.16 20.57
N THR A 56 -10.20 -4.70 19.36
CA THR A 56 -9.02 -5.42 18.95
C THR A 56 -8.59 -5.05 17.57
N LEU A 57 -7.32 -5.29 17.31
CA LEU A 57 -6.75 -4.97 16.03
C LEU A 57 -6.19 -6.20 15.37
N THR A 58 -6.87 -6.69 14.34
CA THR A 58 -6.39 -7.87 13.65
C THR A 58 -5.64 -7.44 12.40
N CYS A 59 -4.59 -8.18 12.07
CA CYS A 59 -3.79 -7.94 10.88
C CYS A 59 -3.70 -9.32 10.28
N ALA A 60 -4.24 -9.50 9.08
CA ALA A 60 -4.20 -10.82 8.46
C ALA A 60 -4.22 -10.81 6.94
N PHE A 61 -3.77 -11.91 6.37
CA PHE A 61 -3.72 -12.09 4.94
C PHE A 61 -4.89 -13.01 4.66
N ARG A 62 -5.67 -12.67 3.65
CA ARG A 62 -6.81 -13.50 3.27
C ARG A 62 -6.80 -13.72 1.76
N TYR A 63 -7.28 -14.89 1.35
CA TYR A 63 -7.30 -15.27 -0.05
C TYR A 63 -8.63 -15.94 -0.37
N GLY A 64 -9.33 -15.44 -1.39
CA GLY A 64 -10.60 -16.03 -1.77
C GLY A 64 -11.64 -14.96 -2.08
N ARG A 65 -12.31 -14.48 -1.03
CA ARG A 65 -13.29 -13.42 -1.22
C ARG A 65 -12.51 -12.11 -1.12
N GLU A 66 -13.12 -10.99 -0.76
CA GLU A 66 -12.41 -9.73 -0.79
C GLU A 66 -12.22 -8.92 0.49
N ASP A 67 -12.84 -9.32 1.59
CA ASP A 67 -12.72 -8.55 2.85
C ASP A 67 -12.70 -9.61 4.01
N LEU A 68 -11.72 -9.48 4.90
CA LEU A 68 -11.51 -10.45 5.99
C LEU A 68 -12.71 -11.09 6.72
N ASP A 69 -13.67 -10.23 7.11
CA ASP A 69 -14.93 -10.53 7.80
C ASP A 69 -15.92 -11.32 6.93
N VAL A 70 -15.41 -12.03 5.94
CA VAL A 70 -16.31 -12.74 5.05
C VAL A 70 -16.17 -14.25 5.13
N LEU A 71 -17.21 -14.94 4.66
CA LEU A 71 -17.26 -16.39 4.70
C LEU A 71 -17.14 -17.08 3.34
N GLY A 72 -16.13 -16.70 2.58
CA GLY A 72 -15.93 -17.32 1.27
C GLY A 72 -14.46 -17.40 0.89
N LEU A 73 -13.60 -17.14 1.87
CA LEU A 73 -12.17 -17.19 1.62
C LEU A 73 -11.62 -18.56 1.96
N THR A 74 -10.79 -19.06 1.06
CA THR A 74 -10.22 -20.37 1.21
C THR A 74 -8.92 -20.40 2.03
N PHE A 75 -8.39 -19.24 2.38
CA PHE A 75 -7.17 -19.21 3.20
C PHE A 75 -7.03 -17.96 4.07
N ARG A 76 -6.37 -18.12 5.22
CA ARG A 76 -6.16 -17.01 6.13
C ARG A 76 -5.04 -17.23 7.14
N LYS A 77 -4.19 -16.21 7.27
CA LYS A 77 -3.07 -16.26 8.20
C LYS A 77 -3.09 -14.99 9.01
N ASP A 78 -3.22 -15.13 10.33
CA ASP A 78 -3.22 -13.99 11.21
C ASP A 78 -1.79 -13.58 11.42
N LEU A 79 -1.50 -12.31 11.17
CA LEU A 79 -0.15 -11.81 11.31
C LEU A 79 0.03 -10.95 12.54
N PHE A 80 -1.09 -10.54 13.16
CA PHE A 80 -1.04 -9.72 14.36
C PHE A 80 -2.42 -9.62 14.99
N VAL A 81 -2.45 -9.51 16.32
CA VAL A 81 -3.70 -9.38 17.06
C VAL A 81 -3.47 -8.56 18.32
N ALA A 82 -4.37 -7.64 18.61
CA ALA A 82 -4.20 -6.83 19.80
C ALA A 82 -5.56 -6.62 20.43
N ASN A 83 -5.74 -7.19 21.60
CA ASN A 83 -6.99 -7.02 22.29
C ASN A 83 -6.91 -6.00 23.37
N VAL A 84 -7.97 -5.23 23.51
CA VAL A 84 -7.95 -4.32 24.60
C VAL A 84 -9.22 -4.22 25.41
N GLN A 85 -9.03 -4.24 26.73
CA GLN A 85 -10.06 -4.07 27.72
C GLN A 85 -10.38 -2.62 27.55
N SER A 86 -11.65 -2.24 27.52
CA SER A 86 -11.94 -0.83 27.31
C SER A 86 -13.03 -0.18 28.13
N PHE A 87 -14.24 -0.72 28.05
CA PHE A 87 -15.21 -0.07 28.89
C PHE A 87 -14.73 -0.14 30.33
N PRO A 88 -14.74 -1.34 30.92
CA PRO A 88 -14.26 -1.37 32.29
C PRO A 88 -12.79 -1.02 32.26
N PRO A 89 -12.46 0.24 32.56
CA PRO A 89 -11.04 0.61 32.53
C PRO A 89 -10.21 -0.29 33.44
N ALA A 90 -9.33 -1.07 32.82
CA ALA A 90 -8.45 -1.97 33.54
C ALA A 90 -7.19 -1.17 33.86
N PRO A 91 -6.90 -1.03 35.16
CA PRO A 91 -5.70 -0.28 35.57
C PRO A 91 -4.47 -0.96 34.96
N GLU A 92 -4.60 -2.27 34.73
CA GLU A 92 -3.52 -3.08 34.14
C GLU A 92 -3.10 -2.55 32.77
N ASP A 93 -4.09 -2.46 31.88
CA ASP A 93 -3.91 -2.05 30.51
C ASP A 93 -3.84 -0.49 30.32
N LYS A 94 -2.74 0.11 30.80
CA LYS A 94 -2.39 1.57 30.79
C LYS A 94 -2.29 2.28 29.47
N LYS A 95 -2.00 3.57 29.65
CA LYS A 95 -1.73 4.61 28.64
C LYS A 95 -1.78 6.08 29.11
N PRO A 96 -0.87 6.88 28.52
CA PRO A 96 -0.54 8.31 28.61
C PRO A 96 -1.74 9.03 27.99
N LEU A 97 -2.21 8.53 26.85
CA LEU A 97 -3.35 9.11 26.14
C LEU A 97 -2.92 10.18 25.17
N THR A 98 -3.39 10.10 23.93
CA THR A 98 -3.06 11.09 22.92
C THR A 98 -3.86 12.32 23.24
N ARG A 99 -3.92 13.22 22.28
CA ARG A 99 -4.64 14.44 22.50
C ARG A 99 -5.71 14.78 21.57
N LEU A 100 -6.16 13.74 20.89
CA LEU A 100 -7.29 13.88 19.99
C LEU A 100 -8.25 13.12 20.91
N GLN A 101 -7.63 12.40 21.87
CA GLN A 101 -8.36 11.64 22.87
C GLN A 101 -8.89 12.55 24.00
N GLU A 102 -7.98 13.03 24.87
CA GLU A 102 -8.38 13.89 25.99
C GLU A 102 -9.38 14.91 25.46
N ARG A 103 -9.16 15.34 24.21
CA ARG A 103 -10.05 16.28 23.57
C ARG A 103 -11.38 15.56 23.43
N LEU A 104 -11.40 14.51 22.61
CA LEU A 104 -12.64 13.75 22.35
C LEU A 104 -13.40 13.39 23.61
N ILE A 105 -12.73 12.74 24.54
CA ILE A 105 -13.41 12.33 25.76
C ILE A 105 -14.13 13.49 26.44
N LYS A 106 -13.57 14.69 26.33
CA LYS A 106 -14.16 15.86 26.94
C LYS A 106 -15.38 16.41 26.19
N LYS A 107 -15.64 15.90 24.98
CA LYS A 107 -16.79 16.36 24.20
C LYS A 107 -17.86 15.26 24.17
N LEU A 108 -17.46 14.04 24.48
CA LEU A 108 -18.40 12.93 24.46
C LEU A 108 -18.96 12.66 25.87
N GLY A 109 -18.20 13.01 26.90
CA GLY A 109 -18.66 12.80 28.25
C GLY A 109 -17.85 11.79 29.05
N GLU A 110 -18.48 11.20 30.04
CA GLU A 110 -17.83 10.22 30.89
C GLU A 110 -17.94 8.83 30.27
N HIS A 111 -18.95 8.64 29.43
CA HIS A 111 -19.14 7.35 28.79
C HIS A 111 -18.13 7.16 27.67
N ALA A 112 -17.27 8.17 27.49
CA ALA A 112 -16.23 8.13 26.46
C ALA A 112 -15.05 7.34 27.01
N TYR A 113 -14.61 6.36 26.25
CA TYR A 113 -13.48 5.55 26.68
C TYR A 113 -12.42 5.41 25.60
N PRO A 114 -11.15 5.48 26.01
CA PRO A 114 -10.03 5.37 25.09
C PRO A 114 -9.59 3.95 24.82
N PHE A 115 -8.62 3.86 23.92
CA PHE A 115 -7.98 2.63 23.50
C PHE A 115 -6.88 3.10 22.56
N THR A 116 -5.81 2.34 22.49
CA THR A 116 -4.71 2.73 21.67
C THR A 116 -3.99 1.46 21.23
N PHE A 117 -3.56 1.45 19.97
CA PHE A 117 -2.85 0.30 19.44
C PHE A 117 -1.53 0.79 18.90
N GLU A 118 -0.48 0.03 19.13
CA GLU A 118 0.84 0.37 18.63
C GLU A 118 1.25 -0.73 17.67
N ILE A 119 1.13 -0.46 16.37
CA ILE A 119 1.45 -1.46 15.36
C ILE A 119 2.93 -1.75 15.16
N PRO A 120 3.38 -2.97 15.46
CA PRO A 120 4.80 -3.17 15.22
C PRO A 120 5.16 -2.73 13.77
N PRO A 121 6.34 -2.10 13.60
CA PRO A 121 7.01 -1.53 12.41
C PRO A 121 7.24 -2.52 11.26
N ASN A 122 7.61 -3.76 11.59
CA ASN A 122 7.88 -4.76 10.56
C ASN A 122 6.78 -5.68 10.04
N LEU A 123 5.57 -5.17 10.11
CA LEU A 123 4.40 -5.85 9.63
C LEU A 123 4.13 -5.32 8.25
N PRO A 124 3.50 -6.13 7.40
CA PRO A 124 3.20 -5.70 6.04
C PRO A 124 2.18 -4.56 6.03
N CYS A 125 2.17 -3.77 4.97
CA CYS A 125 1.23 -2.66 4.85
C CYS A 125 0.02 -3.08 4.03
N SER A 126 -1.10 -2.41 4.23
CA SER A 126 -2.33 -2.70 3.51
C SER A 126 -2.17 -2.86 2.00
N VAL A 127 -2.05 -4.10 1.53
CA VAL A 127 -1.89 -4.33 0.11
C VAL A 127 -2.95 -5.32 -0.35
N THR A 128 -3.56 -4.98 -1.48
CA THR A 128 -4.63 -5.77 -2.06
C THR A 128 -4.38 -6.07 -3.54
N LEU A 129 -4.48 -7.32 -3.96
CA LEU A 129 -4.24 -7.62 -5.37
C LEU A 129 -5.50 -8.21 -5.96
N GLN A 130 -6.07 -7.49 -6.92
CA GLN A 130 -7.29 -7.89 -7.59
C GLN A 130 -7.03 -8.60 -8.92
N PRO A 131 -7.14 -9.94 -8.94
CA PRO A 131 -6.93 -10.71 -10.19
C PRO A 131 -7.96 -10.31 -11.21
N GLY A 132 -7.53 -10.41 -12.45
CA GLY A 132 -8.34 -10.07 -13.54
C GLY A 132 -8.96 -11.35 -14.11
N PRO A 133 -9.67 -11.11 -15.23
CA PRO A 133 -10.45 -11.99 -16.14
C PRO A 133 -9.79 -13.28 -16.53
N GLU A 134 -8.51 -13.22 -16.94
CA GLU A 134 -7.77 -14.43 -17.36
C GLU A 134 -7.18 -15.12 -16.15
N ASP A 135 -6.38 -14.35 -15.40
CA ASP A 135 -5.67 -14.82 -14.21
C ASP A 135 -6.44 -15.87 -13.46
N THR A 136 -5.80 -17.01 -13.21
CA THR A 136 -6.44 -18.15 -12.53
C THR A 136 -6.42 -18.02 -11.01
N GLY A 137 -5.71 -17.02 -10.50
CA GLY A 137 -5.67 -16.82 -9.06
C GLY A 137 -6.93 -16.09 -8.61
N LYS A 138 -7.11 -15.99 -7.30
CA LYS A 138 -8.28 -15.31 -6.77
C LYS A 138 -7.76 -14.06 -6.06
N ALA A 139 -8.66 -13.21 -5.59
CA ALA A 139 -8.26 -11.99 -4.90
C ALA A 139 -7.61 -12.34 -3.58
N CYS A 140 -6.85 -11.40 -3.03
CA CYS A 140 -6.19 -11.61 -1.75
C CYS A 140 -5.61 -10.29 -1.28
N GLY A 141 -5.08 -10.26 -0.07
CA GLY A 141 -4.49 -9.04 0.43
C GLY A 141 -4.34 -9.05 1.94
N VAL A 142 -3.65 -8.06 2.48
CA VAL A 142 -3.47 -7.96 3.92
C VAL A 142 -4.24 -6.74 4.40
N ASP A 143 -5.12 -6.95 5.37
CA ASP A 143 -5.96 -5.88 5.89
C ASP A 143 -5.81 -5.69 7.39
N TYR A 144 -6.09 -4.47 7.84
CA TYR A 144 -6.08 -4.13 9.26
C TYR A 144 -7.51 -3.85 9.69
N GLU A 145 -8.04 -4.77 10.48
CA GLU A 145 -9.40 -4.68 10.98
C GLU A 145 -9.39 -4.16 12.40
N VAL A 146 -10.21 -3.15 12.66
CA VAL A 146 -10.31 -2.61 14.01
C VAL A 146 -11.71 -2.98 14.49
N LYS A 147 -11.82 -3.59 15.67
CA LYS A 147 -13.13 -3.96 16.17
C LYS A 147 -13.37 -3.66 17.65
N ALA A 148 -14.53 -3.10 17.93
CA ALA A 148 -14.95 -2.79 19.29
C ALA A 148 -16.27 -3.53 19.41
N PHE A 149 -16.40 -4.34 20.46
CA PHE A 149 -17.62 -5.11 20.65
C PHE A 149 -17.97 -5.28 22.11
N CYS A 150 -19.21 -5.68 22.35
CA CYS A 150 -19.76 -5.87 23.69
C CYS A 150 -19.79 -7.34 24.12
N ALA A 151 -19.45 -7.59 25.39
CA ALA A 151 -19.45 -8.95 25.94
C ALA A 151 -19.00 -9.05 27.39
N GLU A 152 -19.42 -10.12 28.05
CA GLU A 152 -19.09 -10.35 29.47
C GLU A 152 -17.65 -10.85 29.55
N ASN A 153 -17.47 -12.04 29.03
CA ASN A 153 -16.16 -12.64 28.98
C ASN A 153 -15.58 -12.21 27.66
N LEU A 154 -14.32 -12.58 27.43
CA LEU A 154 -13.67 -12.24 26.17
C LEU A 154 -14.38 -13.15 25.20
N GLU A 155 -14.55 -14.40 25.62
CA GLU A 155 -15.17 -15.38 24.76
C GLU A 155 -16.61 -15.42 24.36
N GLU A 156 -17.52 -14.79 25.08
CA GLU A 156 -18.94 -14.92 24.65
C GLU A 156 -19.00 -14.73 23.17
N LYS A 157 -20.18 -14.84 22.63
CA LYS A 157 -20.26 -14.70 21.20
C LYS A 157 -20.52 -13.31 20.68
N ILE A 158 -19.58 -12.79 19.90
CA ILE A 158 -19.74 -11.46 19.34
C ILE A 158 -20.95 -11.51 18.41
N HIS A 159 -21.71 -10.44 18.39
CA HIS A 159 -22.89 -10.37 17.54
C HIS A 159 -22.77 -9.13 16.64
N LYS A 160 -22.96 -9.36 15.35
CA LYS A 160 -22.88 -8.29 14.33
C LYS A 160 -23.77 -7.12 14.60
N ARG A 161 -24.15 -6.91 15.85
CA ARG A 161 -25.07 -5.81 16.16
C ARG A 161 -24.46 -4.76 17.06
N ASN A 162 -24.12 -5.15 18.29
CA ASN A 162 -23.51 -4.17 19.18
C ASN A 162 -21.98 -4.15 18.97
N SER A 163 -21.60 -4.61 17.79
CA SER A 163 -20.19 -4.66 17.41
C SER A 163 -19.93 -3.84 16.16
N VAL A 164 -18.71 -3.31 16.09
CA VAL A 164 -18.31 -2.48 14.95
C VAL A 164 -16.94 -2.87 14.39
N ARG A 165 -16.77 -2.85 13.08
CA ARG A 165 -15.49 -3.21 12.45
C ARG A 165 -15.27 -2.16 11.40
N LEU A 166 -14.02 -1.86 11.21
CA LEU A 166 -13.64 -0.95 10.15
C LEU A 166 -12.21 -1.22 9.74
N VAL A 167 -11.93 -1.12 8.45
CA VAL A 167 -10.61 -1.38 7.95
C VAL A 167 -9.81 -0.11 7.95
N ILE A 168 -8.68 -0.14 8.65
CA ILE A 168 -7.83 1.02 8.67
C ILE A 168 -6.73 0.66 7.68
N ARG A 169 -5.74 1.53 7.54
CA ARG A 169 -4.69 1.25 6.59
C ARG A 169 -3.31 1.57 7.12
N LYS A 170 -2.36 0.72 6.82
CA LYS A 170 -0.99 0.96 7.22
C LYS A 170 -0.28 1.36 5.93
N VAL A 171 -0.01 2.65 5.78
CA VAL A 171 0.65 3.16 4.58
C VAL A 171 2.12 3.46 4.87
N GLN A 172 2.98 3.20 3.89
CA GLN A 172 4.42 3.38 4.04
C GLN A 172 4.97 4.67 3.47
N TYR A 173 5.77 5.33 4.29
CA TYR A 173 6.41 6.58 3.92
C TYR A 173 7.91 6.43 4.05
N ALA A 174 8.65 6.74 2.99
CA ALA A 174 10.12 6.71 3.05
C ALA A 174 10.44 8.17 2.69
N PRO A 175 11.31 8.84 3.45
CA PRO A 175 11.80 10.23 3.38
C PRO A 175 12.66 10.71 2.21
N GLU A 176 13.28 9.79 1.47
CA GLU A 176 14.12 10.20 0.34
C GLU A 176 15.45 10.70 0.90
N ARG A 177 16.49 9.92 0.67
CA ARG A 177 17.81 10.24 1.19
C ARG A 177 18.70 10.99 0.20
N PRO A 178 20.04 10.97 0.40
CA PRO A 178 20.85 11.72 -0.55
C PRO A 178 21.29 10.87 -1.74
N GLY A 179 21.93 9.74 -1.43
CA GLY A 179 22.43 8.78 -2.41
C GLY A 179 22.64 9.17 -3.87
N PRO A 180 23.09 8.21 -4.69
CA PRO A 180 23.29 8.52 -6.11
C PRO A 180 22.03 8.18 -6.88
N GLN A 181 21.86 8.78 -8.05
CA GLN A 181 20.69 8.47 -8.85
C GLN A 181 20.91 7.06 -9.36
N PRO A 182 19.82 6.28 -9.48
CA PRO A 182 19.93 4.90 -9.97
C PRO A 182 20.33 4.90 -11.45
N THR A 183 21.46 4.24 -11.75
CA THR A 183 21.96 4.18 -13.12
C THR A 183 21.94 2.77 -13.69
N ALA A 184 22.01 2.70 -15.01
CA ALA A 184 22.02 1.43 -15.72
C ALA A 184 22.55 1.68 -17.11
N GLU A 185 23.45 0.82 -17.56
CA GLU A 185 24.02 0.94 -18.89
C GLU A 185 24.33 -0.43 -19.44
N THR A 186 24.40 -0.53 -20.75
CA THR A 186 24.71 -1.78 -21.42
C THR A 186 25.27 -1.46 -22.78
N THR A 187 26.26 -2.22 -23.23
CA THR A 187 26.88 -2.02 -24.53
C THR A 187 26.47 -3.20 -25.42
N ARG A 188 26.28 -2.92 -26.70
CA ARG A 188 25.87 -3.95 -27.65
C ARG A 188 26.62 -3.94 -28.98
N GLN A 189 27.14 -5.11 -29.35
CA GLN A 189 27.83 -5.27 -30.62
C GLN A 189 27.07 -6.31 -31.43
N PHE A 190 26.75 -5.92 -32.66
CA PHE A 190 26.01 -6.77 -33.56
C PHE A 190 26.92 -7.66 -34.41
N LEU A 191 26.28 -8.45 -35.27
CA LEU A 191 27.00 -9.36 -36.15
C LEU A 191 27.90 -8.66 -37.15
N MET A 192 29.12 -9.17 -37.28
CA MET A 192 30.10 -8.65 -38.25
C MET A 192 30.73 -7.30 -37.93
N SER A 193 30.78 -6.93 -36.66
CA SER A 193 31.36 -5.64 -36.27
C SER A 193 31.55 -5.48 -34.78
N ASP A 194 32.58 -4.72 -34.41
CA ASP A 194 32.92 -4.44 -33.02
C ASP A 194 32.43 -3.04 -32.65
N LYS A 195 31.81 -2.35 -33.60
CA LYS A 195 31.33 -1.01 -33.34
C LYS A 195 30.19 -1.19 -32.34
N PRO A 196 30.25 -0.47 -31.21
CA PRO A 196 29.21 -0.59 -30.20
C PRO A 196 28.08 0.43 -30.20
N LEU A 197 26.97 0.04 -29.58
CA LEU A 197 25.79 0.87 -29.40
C LEU A 197 25.67 0.90 -27.89
N HIS A 198 25.91 2.06 -27.29
CA HIS A 198 25.89 2.16 -25.84
C HIS A 198 24.65 2.85 -25.29
N LEU A 199 23.99 2.17 -24.36
CA LEU A 199 22.81 2.69 -23.71
C LEU A 199 23.12 2.90 -22.24
N GLU A 200 22.49 3.93 -21.67
CA GLU A 200 22.67 4.30 -20.27
C GLU A 200 21.53 5.22 -19.86
N ALA A 201 20.89 4.91 -18.73
CA ALA A 201 19.78 5.70 -18.20
C ALA A 201 19.88 5.86 -16.72
N SER A 202 19.09 6.78 -16.17
CA SER A 202 19.07 7.02 -14.75
C SER A 202 17.77 7.74 -14.40
N LEU A 203 17.40 7.70 -13.13
CA LEU A 203 16.20 8.40 -12.69
C LEU A 203 16.69 9.55 -11.83
N ASP A 204 15.91 10.62 -11.74
CA ASP A 204 16.31 11.77 -10.95
C ASP A 204 16.47 11.44 -9.45
N LYS A 205 15.80 10.40 -8.98
CA LYS A 205 15.93 9.98 -7.58
C LYS A 205 15.52 8.55 -7.32
N GLU A 206 15.71 8.11 -6.07
CA GLU A 206 15.41 6.76 -5.63
C GLU A 206 13.98 6.59 -5.15
N ILE A 207 13.46 7.60 -4.46
CA ILE A 207 12.12 7.53 -3.93
C ILE A 207 11.14 8.48 -4.59
N TYR A 208 9.96 7.97 -4.86
CA TYR A 208 8.89 8.75 -5.46
C TYR A 208 7.59 8.47 -4.71
N TYR A 209 6.61 9.34 -4.89
CA TYR A 209 5.32 9.20 -4.25
C TYR A 209 4.25 9.22 -5.30
N HIS A 210 3.17 8.52 -5.03
CA HIS A 210 2.05 8.44 -5.97
C HIS A 210 1.73 9.82 -6.51
N GLY A 211 1.60 9.92 -7.83
CA GLY A 211 1.27 11.20 -8.43
C GLY A 211 2.49 12.00 -8.84
N GLU A 212 3.60 11.72 -8.17
CA GLU A 212 4.86 12.40 -8.45
C GLU A 212 5.48 11.87 -9.75
N PRO A 213 5.87 12.76 -10.67
CA PRO A 213 6.46 12.38 -11.96
C PRO A 213 7.85 11.76 -11.85
N ILE A 214 8.19 10.88 -12.79
CA ILE A 214 9.49 10.24 -12.79
C ILE A 214 10.23 10.70 -14.04
N SER A 215 11.40 11.28 -13.86
CA SER A 215 12.22 11.76 -14.97
C SER A 215 13.28 10.73 -15.30
N VAL A 216 13.43 10.41 -16.58
CA VAL A 216 14.41 9.43 -17.01
C VAL A 216 15.42 10.03 -17.96
N ASN A 217 16.68 10.11 -17.52
CA ASN A 217 17.72 10.68 -18.36
C ASN A 217 18.30 9.56 -19.23
N VAL A 218 18.01 9.58 -20.52
CA VAL A 218 18.52 8.57 -21.43
C VAL A 218 19.63 9.13 -22.32
N HIS A 219 20.76 8.43 -22.39
CA HIS A 219 21.89 8.86 -23.24
C HIS A 219 22.25 7.69 -24.17
N VAL A 220 22.37 7.95 -25.46
CA VAL A 220 22.70 6.91 -26.42
C VAL A 220 23.91 7.24 -27.27
N THR A 221 24.91 6.38 -27.21
CA THR A 221 26.13 6.55 -27.98
C THR A 221 26.15 5.50 -29.08
N ASN A 222 25.84 5.90 -30.30
CA ASN A 222 25.80 4.97 -31.43
C ASN A 222 27.05 5.03 -32.28
N ASN A 223 27.96 4.07 -32.09
CA ASN A 223 29.17 4.02 -32.88
C ASN A 223 28.91 3.07 -34.04
N THR A 224 27.78 2.39 -33.93
CA THR A 224 27.30 1.41 -34.89
C THR A 224 26.99 2.06 -36.23
N ASN A 225 26.77 1.24 -37.25
CA ASN A 225 26.46 1.77 -38.57
C ASN A 225 24.96 1.69 -38.81
N LYS A 226 24.23 1.19 -37.80
CA LYS A 226 22.77 1.04 -37.84
C LYS A 226 22.06 2.29 -37.32
N THR A 227 20.75 2.17 -37.15
CA THR A 227 19.98 3.30 -36.65
C THR A 227 18.93 2.90 -35.60
N VAL A 228 18.77 3.75 -34.60
CA VAL A 228 17.79 3.51 -33.55
C VAL A 228 16.46 4.10 -34.03
N LYS A 229 15.56 3.21 -34.42
CA LYS A 229 14.25 3.61 -34.93
C LYS A 229 13.45 4.40 -33.91
N LYS A 230 13.10 3.76 -32.79
CA LYS A 230 12.34 4.41 -31.74
C LYS A 230 12.73 4.00 -30.33
N ILE A 231 12.29 4.76 -29.34
CA ILE A 231 12.61 4.46 -27.95
C ILE A 231 11.36 4.30 -27.10
N LYS A 232 11.30 3.23 -26.31
CA LYS A 232 10.13 2.95 -25.46
C LYS A 232 10.50 2.95 -23.98
N ILE A 233 9.83 3.81 -23.22
CA ILE A 233 10.08 3.91 -21.79
C ILE A 233 8.88 3.36 -21.05
N SER A 234 9.12 2.52 -20.05
CA SER A 234 8.02 1.96 -19.31
C SER A 234 8.30 1.83 -17.84
N VAL A 235 7.22 1.69 -17.08
CA VAL A 235 7.28 1.51 -15.65
C VAL A 235 6.43 0.30 -15.37
N ARG A 236 7.02 -0.74 -14.80
CA ARG A 236 6.26 -1.93 -14.52
C ARG A 236 6.24 -2.26 -13.04
N GLN A 237 5.17 -2.93 -12.64
CA GLN A 237 5.02 -3.34 -11.26
C GLN A 237 5.16 -4.85 -11.19
N TYR A 238 5.66 -5.33 -10.07
CA TYR A 238 5.83 -6.74 -9.85
C TYR A 238 5.20 -7.10 -8.52
N ALA A 239 4.31 -8.08 -8.55
CA ALA A 239 3.63 -8.53 -7.35
C ALA A 239 3.80 -10.03 -7.20
N ASP A 240 4.41 -10.41 -6.10
CA ASP A 240 4.66 -11.82 -5.83
C ASP A 240 3.78 -12.28 -4.66
N ILE A 241 2.69 -12.97 -4.96
CA ILE A 241 1.85 -13.48 -3.89
C ILE A 241 2.61 -14.69 -3.34
N CYS A 242 3.10 -14.58 -2.11
CA CYS A 242 3.85 -15.69 -1.59
C CYS A 242 3.31 -16.35 -0.32
N LEU A 243 2.07 -16.82 -0.37
CA LEU A 243 1.51 -17.47 0.80
C LEU A 243 0.66 -18.70 0.55
N PHE A 244 -0.62 -18.51 0.26
CA PHE A 244 -1.49 -19.67 0.04
C PHE A 244 -1.15 -20.39 -1.25
N ASN A 245 -1.39 -19.71 -2.36
CA ASN A 245 -1.11 -20.20 -3.70
C ASN A 245 -0.25 -19.15 -4.36
N THR A 246 1.06 -19.35 -4.27
CA THR A 246 2.03 -18.40 -4.80
C THR A 246 2.00 -18.22 -6.30
N ALA A 247 2.28 -16.98 -6.72
CA ALA A 247 2.29 -16.64 -8.12
C ALA A 247 2.93 -15.27 -8.32
N GLN A 248 3.38 -14.97 -9.52
CA GLN A 248 4.00 -13.66 -9.77
C GLN A 248 3.27 -12.87 -10.83
N TYR A 249 2.80 -11.69 -10.47
CA TYR A 249 2.10 -10.86 -11.43
C TYR A 249 3.05 -9.76 -11.91
N LYS A 250 2.96 -9.46 -13.19
CA LYS A 250 3.79 -8.46 -13.79
C LYS A 250 2.83 -7.55 -14.53
N CYS A 251 2.92 -6.25 -14.31
CA CYS A 251 2.00 -5.34 -14.97
C CYS A 251 2.53 -3.93 -15.19
N PRO A 252 2.43 -3.42 -16.43
CA PRO A 252 2.88 -2.08 -16.81
C PRO A 252 1.92 -1.01 -16.30
N VAL A 253 2.47 0.02 -15.68
CA VAL A 253 1.66 1.11 -15.15
C VAL A 253 1.98 2.45 -15.81
N ALA A 254 2.82 2.44 -16.83
CA ALA A 254 3.17 3.64 -17.55
C ALA A 254 4.10 3.34 -18.72
N MET A 255 3.74 3.83 -19.90
CA MET A 255 4.55 3.63 -21.10
C MET A 255 4.67 4.96 -21.81
N GLU A 256 5.70 5.10 -22.61
CA GLU A 256 5.89 6.34 -23.33
C GLU A 256 6.82 6.11 -24.51
N GLU A 257 6.32 5.50 -25.58
CA GLU A 257 7.15 5.27 -26.75
C GLU A 257 7.26 6.55 -27.54
N ALA A 258 8.43 6.81 -28.09
CA ALA A 258 8.65 8.02 -28.86
C ALA A 258 9.44 7.68 -30.12
N ASP A 259 9.10 8.33 -31.23
CA ASP A 259 9.82 8.08 -32.49
C ASP A 259 11.18 8.77 -32.56
N ASP A 260 11.85 8.89 -31.42
CA ASP A 260 13.16 9.52 -31.39
C ASP A 260 14.18 8.72 -32.17
N THR A 261 14.91 9.39 -33.05
CA THR A 261 15.90 8.74 -33.88
C THR A 261 17.32 8.99 -33.43
N VAL A 262 18.17 8.00 -33.67
CA VAL A 262 19.58 8.09 -33.35
C VAL A 262 20.32 7.57 -34.57
N ALA A 263 20.94 8.48 -35.30
CA ALA A 263 21.69 8.12 -36.51
C ALA A 263 23.02 7.42 -36.26
N PRO A 264 23.57 6.78 -37.29
CA PRO A 264 24.84 6.05 -37.22
C PRO A 264 25.99 7.00 -36.86
N SER A 265 26.83 6.58 -35.92
CA SER A 265 27.98 7.35 -35.49
C SER A 265 27.70 8.65 -34.74
N SER A 266 26.49 8.79 -34.20
CA SER A 266 26.16 10.00 -33.45
C SER A 266 25.72 9.69 -32.01
N THR A 267 25.69 10.72 -31.16
CA THR A 267 25.29 10.57 -29.77
C THR A 267 23.94 11.24 -29.50
N PHE A 268 23.07 10.52 -28.81
CA PHE A 268 21.74 11.03 -28.50
C PHE A 268 21.57 11.39 -27.03
N CYS A 269 20.54 12.17 -26.74
CA CYS A 269 20.32 12.58 -25.36
C CYS A 269 18.91 13.08 -25.18
N LYS A 270 18.28 12.75 -24.06
CA LYS A 270 16.91 13.21 -23.83
C LYS A 270 16.38 12.84 -22.46
N VAL A 271 15.38 13.60 -22.01
CA VAL A 271 14.76 13.34 -20.72
C VAL A 271 13.28 13.04 -20.85
N TYR A 272 12.87 11.83 -20.47
CA TYR A 272 11.46 11.46 -20.55
C TYR A 272 10.75 11.55 -19.20
N THR A 273 9.45 11.81 -19.22
CA THR A 273 8.69 11.92 -17.97
C THR A 273 7.47 11.01 -17.92
N LEU A 274 7.48 10.06 -17.01
CA LEU A 274 6.39 9.11 -16.85
C LEU A 274 5.69 9.31 -15.52
N THR A 275 4.43 8.90 -15.45
CA THR A 275 3.65 9.03 -14.23
C THR A 275 2.80 7.80 -13.94
N PRO A 276 3.30 6.90 -13.07
CA PRO A 276 2.52 5.71 -12.74
C PRO A 276 1.29 6.17 -11.99
N PHE A 277 0.14 5.63 -12.35
CA PHE A 277 -1.12 6.03 -11.75
C PHE A 277 -2.12 4.92 -11.79
N LEU A 278 -3.00 4.89 -10.79
CA LEU A 278 -4.04 3.89 -10.79
C LEU A 278 -5.11 4.34 -11.80
N ALA A 279 -5.42 5.65 -11.83
CA ALA A 279 -6.42 6.21 -12.74
C ALA A 279 -6.31 5.71 -14.20
N ASN A 280 -5.10 5.72 -14.75
CA ASN A 280 -4.89 5.28 -16.12
C ASN A 280 -4.68 3.77 -16.14
N ASN A 281 -5.03 3.13 -15.03
CA ASN A 281 -4.87 1.66 -14.90
C ASN A 281 -6.04 0.96 -14.20
N ARG A 282 -6.87 1.73 -13.51
CA ARG A 282 -8.03 1.16 -12.86
C ARG A 282 -8.34 -0.16 -13.59
N GLU A 283 -8.80 0.01 -14.84
CA GLU A 283 -9.24 -1.01 -15.75
C GLU A 283 -8.57 -2.30 -15.60
N LYS A 284 -7.28 -2.18 -15.66
CA LYS A 284 -6.30 -3.24 -15.50
C LYS A 284 -6.57 -3.97 -14.23
N ARG A 285 -6.20 -5.22 -14.20
CA ARG A 285 -6.45 -5.99 -13.02
C ARG A 285 -5.41 -7.06 -13.12
N GLY A 286 -4.78 -7.26 -11.98
CA GLY A 286 -3.72 -8.22 -11.89
C GLY A 286 -2.69 -7.50 -11.06
N LEU A 287 -2.78 -6.17 -11.00
CA LEU A 287 -1.86 -5.36 -10.23
C LEU A 287 -2.25 -5.24 -8.77
N ALA A 288 -1.32 -4.76 -7.96
CA ALA A 288 -1.53 -4.60 -6.53
C ALA A 288 -1.85 -3.16 -6.17
N LEU A 289 -2.88 -3.00 -5.35
CA LEU A 289 -3.34 -1.69 -4.90
C LEU A 289 -3.23 -1.60 -3.39
N ASP A 290 -3.37 -0.39 -2.86
CA ASP A 290 -3.31 -0.17 -1.42
C ASP A 290 -4.73 -0.15 -0.85
N GLY A 291 -5.68 -0.69 -1.62
CA GLY A 291 -7.06 -0.73 -1.19
C GLY A 291 -7.99 -1.29 -2.25
N LYS A 292 -9.28 -0.96 -2.14
CA LYS A 292 -10.27 -1.42 -3.12
C LYS A 292 -10.36 -0.35 -4.18
N LEU A 293 -10.77 -0.76 -5.38
CA LEU A 293 -10.90 0.14 -6.50
C LEU A 293 -11.98 1.18 -6.32
N LYS A 294 -13.18 0.73 -5.97
CA LYS A 294 -14.32 1.62 -5.78
C LYS A 294 -13.92 2.77 -4.90
N HIS A 295 -13.09 2.46 -3.91
CA HIS A 295 -12.66 3.48 -3.00
C HIS A 295 -11.81 4.53 -3.61
N GLU A 296 -12.30 5.75 -3.56
CA GLU A 296 -11.45 6.78 -4.02
C GLU A 296 -10.56 6.87 -2.80
N ASP A 297 -9.30 7.29 -2.97
CA ASP A 297 -8.32 7.42 -1.91
C ASP A 297 -7.37 6.22 -1.92
N THR A 298 -7.55 5.38 -2.94
CA THR A 298 -6.74 4.20 -3.18
C THR A 298 -5.71 4.51 -4.28
N ASN A 299 -4.49 4.01 -4.08
CA ASN A 299 -3.39 4.18 -5.03
C ASN A 299 -2.84 2.84 -5.45
N LEU A 300 -1.68 2.89 -6.11
CA LEU A 300 -1.00 1.70 -6.54
C LEU A 300 -0.30 1.22 -5.28
N ALA A 301 -0.14 -0.09 -5.14
CA ALA A 301 0.53 -0.62 -3.97
C ALA A 301 1.94 -0.06 -3.99
N SER A 302 2.46 0.24 -2.81
CA SER A 302 3.79 0.78 -2.68
C SER A 302 4.85 -0.33 -2.61
N SER A 303 6.11 0.06 -2.77
CA SER A 303 7.22 -0.87 -2.72
C SER A 303 7.37 -1.53 -1.37
N THR A 304 7.31 -2.85 -1.37
CA THR A 304 7.47 -3.59 -0.15
C THR A 304 8.89 -3.46 0.33
N LEU A 305 9.06 -2.82 1.46
CA LEU A 305 10.39 -2.67 1.99
C LEU A 305 10.71 -3.90 2.79
N LEU A 306 11.93 -4.35 2.73
CA LEU A 306 12.26 -5.46 3.56
C LEU A 306 13.74 -5.60 3.78
N ARG A 307 13.92 -6.29 4.87
CA ARG A 307 15.22 -6.47 5.35
C ARG A 307 15.91 -7.78 5.38
N GLU A 308 17.17 -7.58 5.74
CA GLU A 308 18.13 -8.61 5.94
C GLU A 308 17.34 -9.42 6.88
N GLY A 309 17.82 -10.64 7.05
CA GLY A 309 17.21 -11.64 7.93
C GLY A 309 15.71 -11.37 8.07
N ALA A 310 15.02 -10.95 6.99
CA ALA A 310 13.58 -10.76 7.09
C ALA A 310 12.80 -11.88 6.41
N ASN A 311 11.68 -12.22 7.02
CA ASN A 311 10.82 -13.24 6.51
C ASN A 311 9.94 -12.66 5.41
N ARG A 312 10.16 -13.16 4.20
CA ARG A 312 9.46 -12.72 3.02
C ARG A 312 8.04 -13.25 2.97
N GLU A 313 7.83 -14.53 3.26
CA GLU A 313 6.48 -15.09 3.20
C GLU A 313 5.53 -14.31 4.10
N ILE A 314 5.97 -14.06 5.31
CA ILE A 314 5.20 -13.32 6.28
C ILE A 314 4.63 -11.99 5.76
N LEU A 315 5.24 -11.41 4.73
CA LEU A 315 4.78 -10.13 4.21
C LEU A 315 3.53 -10.20 3.32
N GLY A 316 3.14 -11.42 2.94
CA GLY A 316 1.95 -11.58 2.12
C GLY A 316 2.17 -11.38 0.64
N ILE A 317 2.17 -10.12 0.21
CA ILE A 317 2.40 -9.81 -1.19
C ILE A 317 3.59 -8.87 -1.23
N ILE A 318 4.64 -9.25 -1.96
CA ILE A 318 5.80 -8.38 -2.10
C ILE A 318 5.62 -7.59 -3.40
N VAL A 319 5.76 -6.28 -3.30
CA VAL A 319 5.58 -5.40 -4.44
C VAL A 319 6.83 -4.59 -4.76
N SER A 320 7.14 -4.47 -6.04
CA SER A 320 8.30 -3.71 -6.50
C SER A 320 8.06 -3.08 -7.86
N TYR A 321 8.81 -2.01 -8.14
CA TYR A 321 8.72 -1.28 -9.41
C TYR A 321 10.07 -1.20 -10.14
N LYS A 322 9.99 -0.97 -11.44
CA LYS A 322 11.16 -0.85 -12.29
C LYS A 322 10.87 0.02 -13.50
N VAL A 323 11.85 0.76 -13.96
CA VAL A 323 11.67 1.57 -15.15
C VAL A 323 12.49 0.87 -16.23
N LYS A 324 11.90 0.67 -17.40
CA LYS A 324 12.59 -0.01 -18.46
C LYS A 324 12.77 0.87 -19.68
N VAL A 325 14.00 0.98 -20.15
CA VAL A 325 14.28 1.78 -21.33
C VAL A 325 14.63 0.81 -22.42
N LYS A 326 14.09 1.04 -23.61
CA LYS A 326 14.34 0.12 -24.69
C LYS A 326 14.48 0.79 -26.02
N LEU A 327 15.58 0.50 -26.70
CA LEU A 327 15.82 1.07 -28.02
C LEU A 327 15.50 0.01 -29.07
N VAL A 328 14.72 0.38 -30.07
CA VAL A 328 14.40 -0.54 -31.15
C VAL A 328 15.41 -0.22 -32.24
N VAL A 329 16.38 -1.11 -32.41
CA VAL A 329 17.40 -0.87 -33.41
C VAL A 329 17.17 -1.67 -34.67
N SER A 330 16.99 -0.98 -35.79
CA SER A 330 16.81 -1.65 -37.08
C SER A 330 18.16 -2.05 -37.68
N SER A 340 17.67 -7.67 -34.75
CA SER A 340 17.26 -6.48 -34.04
C SER A 340 17.76 -6.62 -32.60
N SER A 341 16.95 -7.34 -31.81
CA SER A 341 17.21 -7.52 -30.40
C SER A 341 17.40 -6.08 -29.94
N ASP A 342 16.36 -5.51 -29.38
CA ASP A 342 16.43 -4.14 -28.92
C ASP A 342 17.48 -4.20 -27.85
N VAL A 343 18.06 -3.05 -27.53
CA VAL A 343 19.05 -3.02 -26.48
C VAL A 343 18.32 -2.33 -25.35
N ALA A 344 18.40 -2.87 -24.15
CA ALA A 344 17.67 -2.24 -23.06
C ALA A 344 18.27 -2.38 -21.67
N VAL A 345 17.85 -1.48 -20.79
CA VAL A 345 18.28 -1.46 -19.42
C VAL A 345 17.05 -1.25 -18.54
N GLU A 346 17.24 -1.38 -17.24
CA GLU A 346 16.14 -1.19 -16.33
C GLU A 346 16.68 -0.72 -14.99
N LEU A 347 16.00 0.27 -14.42
CA LEU A 347 16.39 0.83 -13.13
C LEU A 347 15.24 0.67 -12.15
N PRO A 348 15.54 0.17 -10.95
CA PRO A 348 14.56 -0.06 -9.89
C PRO A 348 14.34 1.15 -9.01
N PHE A 349 13.09 1.43 -8.67
CA PHE A 349 12.82 2.56 -7.79
C PHE A 349 11.82 2.17 -6.71
N THR A 350 11.66 3.06 -5.74
CA THR A 350 10.75 2.81 -4.65
C THR A 350 9.56 3.75 -4.70
N LEU A 351 8.36 3.19 -4.69
CA LEU A 351 7.13 3.97 -4.71
C LEU A 351 6.61 4.05 -3.29
N MET A 352 6.44 5.27 -2.76
CA MET A 352 5.97 5.47 -1.39
C MET A 352 4.68 6.27 -1.28
N HIS A 353 4.27 6.54 -0.04
CA HIS A 353 3.05 7.31 0.22
C HIS A 353 3.43 8.70 0.70
N PRO A 354 2.68 9.72 0.27
CA PRO A 354 2.92 11.12 0.66
C PRO A 354 2.78 11.44 2.15
N LYS A 355 2.03 12.50 2.47
CA LYS A 355 1.82 12.95 3.85
C LYS A 355 3.17 13.15 4.56
N ASP A 385 -12.02 22.20 16.39
CA ASP A 385 -13.47 22.15 16.60
C ASP A 385 -14.03 20.76 16.32
N ILE A 386 -13.16 19.77 16.16
CA ILE A 386 -13.63 18.40 15.91
C ILE A 386 -14.55 18.21 14.68
N VAL A 387 -15.85 18.06 14.91
CA VAL A 387 -16.78 17.84 13.80
C VAL A 387 -16.61 16.43 13.24
N PHE A 388 -17.37 15.48 13.81
CA PHE A 388 -17.34 14.08 13.38
C PHE A 388 -17.72 13.98 11.91
N GLU A 389 -17.33 12.86 11.32
CA GLU A 389 -17.59 12.53 9.91
C GLU A 389 -17.64 11.00 9.85
N ASP A 390 -18.41 10.45 8.91
CA ASP A 390 -18.49 9.00 8.76
C ASP A 390 -17.08 8.42 8.63
N PHE A 391 -16.98 7.10 8.63
CA PHE A 391 -15.69 6.46 8.46
C PHE A 391 -15.62 5.90 7.06
N ALA A 392 -16.74 5.38 6.56
CA ALA A 392 -16.81 4.82 5.21
C ALA A 392 -15.95 5.61 4.23
N ARG A 393 -15.19 4.91 3.40
CA ARG A 393 -14.33 5.55 2.41
C ARG A 393 -15.13 6.05 1.20
N GLN A 394 -14.83 7.28 0.80
CA GLN A 394 -15.50 7.92 -0.32
C GLN A 394 -15.39 7.05 -1.58
N ARG A 395 -16.44 7.06 -2.39
CA ARG A 395 -16.49 6.24 -3.60
C ARG A 395 -16.04 6.89 -4.92
N LEU A 396 -16.07 6.09 -5.99
CA LEU A 396 -15.62 6.56 -7.29
C LEU A 396 -16.62 7.32 -8.17
N LYS A 397 -16.98 6.71 -9.30
CA LYS A 397 -17.88 7.34 -10.27
C LYS A 397 -18.76 6.29 -11.00
MG MG B . 11.89 13.03 0.75
C1 IHP C . 6.92 -6.11 -23.23
C2 IHP C . 7.77 -7.03 -22.34
C3 IHP C . 7.46 -8.40 -21.71
C4 IHP C . 6.08 -8.90 -21.69
C5 IHP C . 5.02 -7.77 -21.88
C6 IHP C . 5.34 -6.61 -23.04
O11 IHP C . 7.43 -5.62 -24.60
P1 IHP C . 7.81 -3.91 -24.98
O21 IHP C . 8.14 -3.68 -26.48
O31 IHP C . 6.56 -3.13 -24.64
O41 IHP C . 8.93 -3.50 -23.99
O12 IHP C . 9.17 -7.12 -22.43
P2 IHP C . 10.10 -6.65 -23.72
O22 IHP C . 10.29 -7.59 -25.00
O32 IHP C . 11.12 -5.51 -23.51
O42 IHP C . 11.01 -7.48 -22.73
O13 IHP C . 8.69 -9.24 -21.83
P3 IHP C . 9.57 -9.22 -20.39
O23 IHP C . 9.66 -7.74 -19.91
O33 IHP C . 10.94 -9.84 -20.72
O43 IHP C . 8.82 -10.15 -19.42
O14 IHP C . 5.77 -9.55 -20.38
P4 IHP C . 5.60 -11.18 -20.29
O24 IHP C . 6.45 -11.65 -19.11
O34 IHP C . 6.06 -11.63 -21.71
O44 IHP C . 4.10 -11.44 -20.08
O15 IHP C . 3.71 -8.36 -22.11
P5 IHP C . 2.55 -8.38 -20.91
O25 IHP C . 3.27 -9.02 -19.70
O35 IHP C . 1.46 -9.23 -21.60
O45 IHP C . 2.09 -6.96 -20.54
O16 IHP C . 4.55 -5.48 -22.68
P6 IHP C . 4.25 -4.41 -23.87
O26 IHP C . 3.24 -4.60 -25.01
O36 IHP C . 4.76 -3.05 -23.44
O46 IHP C . 2.92 -4.14 -22.90
#